data_2JCA
#
_entry.id   2JCA
#
_cell.length_a   75.940
_cell.length_b   75.940
_cell.length_c   108.351
_cell.angle_alpha   90.00
_cell.angle_beta   90.00
_cell.angle_gamma   120.00
#
_symmetry.space_group_name_H-M   'P 31 2 1'
#
loop_
_entity.id
_entity.type
_entity.pdbx_description
1 polymer 'HOLO-[ACYL-CARRIER-PROTEIN] SYNTHASE'
2 non-polymer 'SULFATE ION'
3 non-polymer 'SODIUM ION'
4 non-polymer GLYCEROL
5 water water
#
_entity_poly.entity_id   1
_entity_poly.type   'polypeptide(L)'
_entity_poly.pdbx_seq_one_letter_code
;MGSSHHHHHHSSGLVPRGSHMSIIGVGIDVAEVERFGAALERTPALAGRLFLESELLLPGGERRGVASLAARFAAKEALA
KALGAPAGLLWTDAEVWVEAGGRPRLRVTGTVAARAAELGVASWHVSLSHDAGIASAVVIAEG
;
_entity_poly.pdbx_strand_id   A,B,C
#
# COMPACT_ATOMS: atom_id res chain seq x y z
N MET A 21 11.69 -17.11 10.07
CA MET A 21 11.10 -15.73 10.21
C MET A 21 9.64 -15.68 9.81
N SER A 22 8.88 -14.88 10.54
CA SER A 22 7.48 -14.65 10.23
C SER A 22 7.21 -13.15 10.26
N ILE A 23 6.09 -12.75 9.67
CA ILE A 23 5.64 -11.36 9.65
C ILE A 23 5.03 -11.08 10.99
N ILE A 24 5.50 -10.01 11.64
CA ILE A 24 5.01 -9.61 12.95
C ILE A 24 3.98 -8.50 12.81
N GLY A 25 4.16 -7.62 11.81
CA GLY A 25 3.18 -6.55 11.64
C GLY A 25 3.39 -5.91 10.29
N VAL A 26 2.35 -5.25 9.80
CA VAL A 26 2.39 -4.56 8.51
CA VAL A 26 2.41 -4.54 8.52
C VAL A 26 1.75 -3.20 8.73
N GLY A 27 2.20 -2.20 7.97
CA GLY A 27 1.61 -0.88 8.09
C GLY A 27 1.59 -0.29 6.68
N ILE A 28 0.56 0.50 6.42
CA ILE A 28 0.48 1.27 5.18
C ILE A 28 0.00 2.65 5.53
N ASP A 29 0.47 3.64 4.76
CA ASP A 29 -0.13 4.95 4.92
C ASP A 29 -0.09 5.64 3.57
N VAL A 30 -1.21 6.26 3.22
CA VAL A 30 -1.26 7.01 1.95
C VAL A 30 -1.78 8.36 2.31
N ALA A 31 -1.02 9.43 1.96
CA ALA A 31 -1.41 10.79 2.32
C ALA A 31 -1.64 11.70 1.09
N GLU A 32 -2.59 12.61 1.21
CA GLU A 32 -2.76 13.70 0.26
C GLU A 32 -1.68 14.73 0.56
N VAL A 33 -0.85 15.01 -0.44
CA VAL A 33 0.28 15.93 -0.24
C VAL A 33 -0.19 17.31 0.22
N GLU A 34 -1.25 17.84 -0.39
CA GLU A 34 -1.70 19.21 -0.06
C GLU A 34 -2.13 19.35 1.38
N ARG A 35 -2.83 18.34 1.92
CA ARG A 35 -3.26 18.31 3.32
C ARG A 35 -2.09 18.31 4.31
N PHE A 36 -1.08 17.50 4.01
CA PHE A 36 0.17 17.44 4.80
C PHE A 36 0.89 18.80 4.71
N GLY A 37 1.07 19.30 3.49
CA GLY A 37 1.55 20.65 3.30
C GLY A 37 0.82 21.71 4.13
N ALA A 38 -0.51 21.66 4.14
CA ALA A 38 -1.29 22.68 4.82
C ALA A 38 -0.99 22.62 6.32
N ALA A 39 -0.93 21.41 6.87
CA ALA A 39 -0.62 21.21 8.28
C ALA A 39 0.73 21.79 8.66
N LEU A 40 1.77 21.54 7.88
CA LEU A 40 3.11 22.07 8.20
C LEU A 40 3.13 23.60 8.14
N GLU A 41 2.39 24.21 7.21
N GLU A 41 2.39 24.14 7.15
CA GLU A 41 2.37 25.68 7.18
CA GLU A 41 2.10 25.59 6.99
C GLU A 41 1.56 26.35 8.30
C GLU A 41 1.65 26.20 8.31
N ARG A 42 0.56 25.66 8.84
CA ARG A 42 -0.11 26.17 10.05
C ARG A 42 0.82 26.16 11.27
N THR A 43 1.59 25.09 11.44
CA THR A 43 2.46 24.96 12.60
C THR A 43 3.91 24.67 12.13
N PRO A 44 4.68 25.72 11.76
CA PRO A 44 6.04 25.54 11.19
C PRO A 44 7.10 24.91 12.11
N ALA A 45 6.86 24.96 13.41
CA ALA A 45 7.65 24.15 14.34
C ALA A 45 7.42 22.66 14.13
N LEU A 46 6.34 22.30 13.46
CA LEU A 46 5.95 20.91 13.38
C LEU A 46 6.92 20.04 12.55
N ALA A 47 7.57 20.60 11.50
CA ALA A 47 8.47 19.81 10.69
C ALA A 47 9.55 19.20 11.56
N GLY A 48 10.07 19.98 12.48
CA GLY A 48 11.16 19.57 13.31
C GLY A 48 10.71 18.62 14.42
N ARG A 49 9.40 18.41 14.57
CA ARG A 49 8.89 17.42 15.55
C ARG A 49 8.77 16.10 14.83
N LEU A 50 8.52 16.14 13.54
CA LEU A 50 8.29 14.93 12.77
C LEU A 50 9.55 14.33 12.14
N PHE A 51 10.50 15.23 11.83
CA PHE A 51 11.64 14.84 10.98
C PHE A 51 12.97 15.26 11.56
N LEU A 52 13.96 14.38 11.41
CA LEU A 52 15.36 14.69 11.66
CA LEU A 52 15.31 14.78 11.71
C LEU A 52 15.86 15.67 10.58
N GLU A 53 16.95 16.39 10.84
CA GLU A 53 17.49 17.28 9.81
C GLU A 53 17.82 16.49 8.53
N SER A 54 18.31 15.26 8.69
CA SER A 54 18.72 14.43 7.52
C SER A 54 17.52 14.15 6.61
N GLU A 55 16.35 14.04 7.20
CA GLU A 55 15.14 13.83 6.42
C GLU A 55 14.60 15.12 5.82
N LEU A 56 14.80 16.23 6.52
CA LEU A 56 14.35 17.52 6.00
C LEU A 56 15.17 17.97 4.79
N LEU A 57 16.45 17.57 4.72
CA LEU A 57 17.35 18.12 3.71
C LEU A 57 17.73 17.15 2.61
N LEU A 58 17.88 17.69 1.41
CA LEU A 58 18.37 16.94 0.26
C LEU A 58 19.90 16.88 0.34
N PRO A 59 20.52 15.92 -0.40
CA PRO A 59 21.98 15.83 -0.46
C PRO A 59 22.67 17.18 -0.62
N GLY A 60 22.18 18.01 -1.52
CA GLY A 60 22.71 19.36 -1.64
C GLY A 60 22.50 20.39 -0.51
N GLY A 61 21.70 20.08 0.53
CA GLY A 61 21.45 21.11 1.60
C GLY A 61 20.15 21.88 1.53
N GLU A 62 19.39 21.75 0.45
CA GLU A 62 18.10 22.44 0.36
C GLU A 62 16.98 21.59 1.00
N ARG A 63 15.98 22.26 1.55
CA ARG A 63 14.83 21.54 2.12
C ARG A 63 14.10 20.71 1.08
N ARG A 64 13.82 19.46 1.44
CA ARG A 64 12.99 18.58 0.62
C ARG A 64 11.63 19.25 0.37
N GLY A 65 11.06 19.00 -0.79
CA GLY A 65 9.74 19.45 -1.08
C GLY A 65 8.72 18.65 -0.31
N VAL A 66 7.55 19.26 -0.17
CA VAL A 66 6.44 18.73 0.58
C VAL A 66 6.02 17.27 0.21
N ALA A 67 6.02 16.92 -1.07
CA ALA A 67 5.60 15.58 -1.50
C ALA A 67 6.60 14.51 -1.03
N SER A 68 7.89 14.81 -1.19
CA SER A 68 8.95 13.94 -0.76
C SER A 68 8.98 13.79 0.77
N LEU A 69 8.75 14.88 1.48
CA LEU A 69 8.63 14.86 2.96
C LEU A 69 7.39 14.06 3.41
N ALA A 70 6.30 14.21 2.67
CA ALA A 70 5.07 13.49 3.02
C ALA A 70 5.25 11.96 2.90
N ALA A 71 6.07 11.52 1.94
CA ALA A 71 6.42 10.12 1.81
C ALA A 71 7.20 9.61 3.03
N ARG A 72 8.08 10.45 3.58
CA ARG A 72 8.85 10.06 4.77
C ARG A 72 7.94 10.04 5.98
N PHE A 73 6.98 10.96 6.03
CA PHE A 73 6.04 10.89 7.13
C PHE A 73 5.10 9.68 7.01
N ALA A 74 4.67 9.39 5.80
CA ALA A 74 3.89 8.16 5.53
C ALA A 74 4.62 6.89 6.01
N ALA A 75 5.94 6.83 5.77
CA ALA A 75 6.76 5.69 6.18
C ALA A 75 6.76 5.57 7.72
N LYS A 76 6.86 6.69 8.42
CA LYS A 76 6.76 6.68 9.91
C LYS A 76 5.40 6.27 10.42
N GLU A 77 4.34 6.75 9.75
CA GLU A 77 2.98 6.33 10.05
C GLU A 77 2.80 4.84 9.78
N ALA A 78 3.36 4.35 8.67
CA ALA A 78 3.31 2.91 8.35
C ALA A 78 4.12 2.08 9.38
N LEU A 79 5.30 2.58 9.76
CA LEU A 79 6.06 1.93 10.81
C LEU A 79 5.26 1.88 12.13
N ALA A 80 4.69 3.00 12.55
CA ALA A 80 3.84 3.02 13.75
C ALA A 80 2.75 1.95 13.72
N LYS A 81 2.11 1.80 12.56
CA LYS A 81 1.06 0.76 12.38
C LYS A 81 1.65 -0.66 12.43
N ALA A 82 2.83 -0.86 11.85
CA ALA A 82 3.47 -2.19 11.86
C ALA A 82 3.88 -2.55 13.30
N LEU A 83 4.17 -1.55 14.11
CA LEU A 83 4.54 -1.73 15.54
C LEU A 83 3.39 -1.71 16.52
N GLY A 84 2.15 -1.59 16.05
CA GLY A 84 1.01 -1.46 16.95
C GLY A 84 1.11 -0.23 17.85
N ALA A 85 1.53 0.91 17.31
CA ALA A 85 1.61 2.10 18.12
C ALA A 85 0.45 3.04 17.79
N PRO A 86 -0.64 3.01 18.62
CA PRO A 86 -1.90 3.68 18.26
C PRO A 86 -1.82 5.20 18.32
N ALA A 87 -1.03 5.73 19.23
CA ALA A 87 -0.90 7.18 19.36
C ALA A 87 0.21 7.78 18.49
N GLY A 88 0.73 7.02 17.51
CA GLY A 88 1.93 7.44 16.76
C GLY A 88 3.22 7.15 17.51
N LEU A 89 4.34 7.73 17.03
CA LEU A 89 5.67 7.42 17.52
C LEU A 89 6.28 8.68 18.09
N LEU A 90 7.33 8.54 18.90
CA LEU A 90 8.23 9.68 19.11
C LEU A 90 9.00 9.77 17.77
N TRP A 91 8.50 10.61 16.87
CA TRP A 91 8.85 10.58 15.41
C TRP A 91 10.35 10.63 15.12
N THR A 92 11.06 11.42 15.91
CA THR A 92 12.50 11.60 15.62
C THR A 92 13.29 10.41 16.13
N ASP A 93 12.63 9.41 16.72
CA ASP A 93 13.34 8.15 17.06
C ASP A 93 13.29 7.15 15.91
N ALA A 94 12.78 7.60 14.76
CA ALA A 94 12.78 6.80 13.57
C ALA A 94 13.33 7.70 12.43
N GLU A 95 14.23 7.16 11.62
CA GLU A 95 14.93 7.96 10.59
C GLU A 95 14.93 7.20 9.29
N VAL A 96 14.29 7.79 8.28
CA VAL A 96 14.28 7.19 6.96
C VAL A 96 15.57 7.61 6.25
N TRP A 97 16.30 6.64 5.73
CA TRP A 97 17.53 6.95 4.95
C TRP A 97 17.58 6.04 3.71
N VAL A 98 18.45 6.36 2.75
CA VAL A 98 18.51 5.59 1.51
C VAL A 98 19.90 4.99 1.30
N GLU A 99 19.93 3.69 1.03
CA GLU A 99 21.17 2.98 0.68
C GLU A 99 21.77 3.54 -0.60
N ALA A 100 23.10 3.40 -0.76
CA ALA A 100 23.79 3.90 -1.97
C ALA A 100 23.07 3.48 -3.23
N GLY A 101 22.63 2.23 -3.28
CA GLY A 101 21.97 1.71 -4.47
C GLY A 101 20.57 2.22 -4.77
N GLY A 102 19.87 2.78 -3.78
CA GLY A 102 18.54 3.34 -4.01
C GLY A 102 17.41 2.85 -3.07
N ARG A 103 17.67 1.82 -2.27
CA ARG A 103 16.63 1.25 -1.35
C ARG A 103 16.49 2.05 -0.03
N PRO A 104 15.25 2.50 0.28
CA PRO A 104 15.03 3.20 1.54
C PRO A 104 15.09 2.22 2.72
N ARG A 105 15.40 2.77 3.87
CA ARG A 105 15.63 1.98 5.07
C ARG A 105 15.12 2.80 6.24
N LEU A 106 14.85 2.12 7.34
CA LEU A 106 14.44 2.77 8.56
C LEU A 106 15.45 2.45 9.61
N ARG A 107 16.04 3.48 10.17
CA ARG A 107 16.86 3.33 11.36
C ARG A 107 15.98 3.73 12.55
N VAL A 108 15.99 2.90 13.58
CA VAL A 108 15.18 3.11 14.77
C VAL A 108 16.09 3.20 15.99
N THR A 109 15.79 4.11 16.91
CA THR A 109 16.61 4.27 18.10
C THR A 109 15.61 4.44 19.24
N GLY A 110 16.10 4.53 20.48
CA GLY A 110 15.29 5.04 21.60
C GLY A 110 13.99 4.27 21.76
N THR A 111 12.89 5.00 21.83
CA THR A 111 11.59 4.38 22.07
C THR A 111 11.18 3.47 20.95
N VAL A 112 11.57 3.76 19.71
CA VAL A 112 11.07 2.96 18.56
C VAL A 112 11.84 1.63 18.54
N ALA A 113 13.14 1.71 18.76
CA ALA A 113 14.01 0.51 18.85
C ALA A 113 13.51 -0.39 20.03
N ALA A 114 13.09 0.25 21.09
CA ALA A 114 12.62 -0.44 22.28
C ALA A 114 11.31 -1.15 21.95
N ARG A 115 10.37 -0.45 21.30
CA ARG A 115 9.17 -1.12 20.82
C ARG A 115 9.42 -2.29 19.86
N ALA A 116 10.31 -2.11 18.89
CA ALA A 116 10.62 -3.22 18.01
C ALA A 116 11.19 -4.39 18.81
N ALA A 117 12.06 -4.13 19.77
CA ALA A 117 12.57 -5.24 20.60
C ALA A 117 11.45 -5.95 21.37
N GLU A 118 10.57 -5.19 22.03
CA GLU A 118 9.37 -5.71 22.74
C GLU A 118 8.58 -6.67 21.88
N LEU A 119 8.42 -6.32 20.60
CA LEU A 119 7.63 -7.15 19.75
C LEU A 119 8.44 -8.29 19.13
N GLY A 120 9.76 -8.30 19.31
CA GLY A 120 10.61 -9.29 18.66
C GLY A 120 10.85 -9.13 17.17
N VAL A 121 10.87 -7.88 16.71
CA VAL A 121 11.15 -7.59 15.32
C VAL A 121 12.63 -7.73 15.10
N ALA A 122 13.01 -8.48 14.08
CA ALA A 122 14.42 -8.66 13.74
C ALA A 122 14.84 -7.85 12.51
N SER A 123 13.91 -7.65 11.56
CA SER A 123 14.20 -6.86 10.34
C SER A 123 12.98 -6.13 9.80
N TRP A 124 13.21 -5.03 9.07
CA TRP A 124 12.12 -4.17 8.57
C TRP A 124 12.32 -4.10 7.08
N HIS A 125 11.22 -3.99 6.35
CA HIS A 125 11.25 -3.68 4.90
C HIS A 125 10.37 -2.51 4.71
N VAL A 126 10.84 -1.51 3.94
CA VAL A 126 10.08 -0.31 3.75
C VAL A 126 10.16 0.08 2.29
N SER A 127 9.08 0.65 1.78
CA SER A 127 9.09 1.31 0.47
C SER A 127 8.30 2.58 0.61
N LEU A 128 8.70 3.65 -0.08
CA LEU A 128 7.89 4.81 -0.11
C LEU A 128 7.74 5.29 -1.55
N SER A 129 6.73 6.10 -1.77
CA SER A 129 6.57 6.71 -3.11
C SER A 129 5.86 8.03 -2.98
N HIS A 130 5.95 8.87 -4.01
CA HIS A 130 5.16 10.09 -4.08
C HIS A 130 5.00 10.29 -5.59
N ASP A 131 3.88 10.81 -6.06
CA ASP A 131 3.86 12.00 -6.85
C ASP A 131 3.53 13.32 -6.23
N ALA A 132 3.14 14.24 -7.12
CA ALA A 132 2.98 15.61 -6.74
C ALA A 132 1.79 15.71 -5.83
N GLY A 133 0.81 14.83 -6.00
CA GLY A 133 -0.42 14.95 -5.19
C GLY A 133 -0.58 13.92 -4.07
N ILE A 134 0.08 12.78 -4.21
CA ILE A 134 -0.12 11.65 -3.26
C ILE A 134 1.24 11.09 -2.80
N ALA A 135 1.37 10.82 -1.50
CA ALA A 135 2.56 10.16 -0.96
C ALA A 135 2.14 8.84 -0.27
N SER A 136 3.00 7.83 -0.30
CA SER A 136 2.59 6.53 0.32
C SER A 136 3.80 5.83 0.88
N ALA A 137 3.56 4.87 1.79
CA ALA A 137 4.58 4.01 2.25
C ALA A 137 3.95 2.72 2.80
N VAL A 138 4.77 1.68 2.80
CA VAL A 138 4.38 0.36 3.36
C VAL A 138 5.62 -0.10 4.18
N VAL A 139 5.35 -0.68 5.36
CA VAL A 139 6.38 -1.27 6.20
C VAL A 139 5.96 -2.71 6.52
N ILE A 140 6.87 -3.66 6.34
CA ILE A 140 6.66 -4.98 6.90
C ILE A 140 7.74 -5.27 7.95
N ALA A 141 7.30 -5.68 9.13
CA ALA A 141 8.17 -6.06 10.24
C ALA A 141 8.13 -7.59 10.33
N GLU A 142 9.31 -8.19 10.42
CA GLU A 142 9.42 -9.62 10.57
C GLU A 142 10.45 -10.02 11.63
N GLY A 143 10.31 -11.24 12.11
CA GLY A 143 11.19 -11.78 13.11
C GLY A 143 10.86 -13.22 13.47
N MET B 21 5.43 -21.85 7.02
CA MET B 21 4.47 -20.73 6.66
C MET B 21 5.03 -19.72 5.67
N SER B 22 4.23 -19.40 4.66
CA SER B 22 4.66 -18.68 3.47
C SER B 22 3.55 -17.73 2.99
N ILE B 23 3.94 -16.76 2.17
CA ILE B 23 2.98 -15.82 1.61
C ILE B 23 2.17 -16.48 0.51
N ILE B 24 0.85 -16.50 0.68
CA ILE B 24 -0.08 -17.02 -0.30
C ILE B 24 -0.57 -15.93 -1.26
N GLY B 25 -0.90 -14.75 -0.73
CA GLY B 25 -1.40 -13.66 -1.56
C GLY B 25 -1.21 -12.31 -0.86
N VAL B 26 -1.14 -11.27 -1.65
CA VAL B 26 -1.07 -9.93 -1.12
C VAL B 26 -2.19 -9.17 -1.78
N GLY B 27 -2.72 -8.18 -1.08
CA GLY B 27 -3.74 -7.30 -1.63
C GLY B 27 -3.52 -5.86 -1.20
N ILE B 28 -3.85 -4.92 -2.09
CA ILE B 28 -3.83 -3.55 -1.72
C ILE B 28 -5.06 -2.85 -2.29
N ASP B 29 -5.52 -1.82 -1.63
CA ASP B 29 -6.56 -1.00 -2.20
C ASP B 29 -6.42 0.40 -1.67
N VAL B 30 -6.57 1.39 -2.56
CA VAL B 30 -6.46 2.79 -2.17
C VAL B 30 -7.61 3.48 -2.86
N ALA B 31 -8.41 4.25 -2.10
CA ALA B 31 -9.66 4.81 -2.63
C ALA B 31 -9.77 6.26 -2.28
N GLU B 32 -10.39 7.02 -3.18
CA GLU B 32 -10.78 8.40 -2.84
C GLU B 32 -11.97 8.41 -1.92
N VAL B 33 -11.84 9.08 -0.76
CA VAL B 33 -12.92 9.09 0.22
C VAL B 33 -14.15 9.77 -0.37
N GLU B 34 -13.92 10.84 -1.12
CA GLU B 34 -15.04 11.53 -1.73
C GLU B 34 -15.83 10.64 -2.68
N ARG B 35 -15.14 9.83 -3.43
CA ARG B 35 -15.77 8.91 -4.36
C ARG B 35 -16.57 7.84 -3.62
N PHE B 36 -16.00 7.26 -2.56
CA PHE B 36 -16.75 6.30 -1.74
C PHE B 36 -17.99 6.99 -1.15
N GLY B 37 -17.81 8.24 -0.69
CA GLY B 37 -18.94 8.95 -0.07
C GLY B 37 -20.04 9.24 -1.10
N ALA B 38 -19.64 9.59 -2.32
CA ALA B 38 -20.57 9.77 -3.43
C ALA B 38 -21.39 8.47 -3.68
N ALA B 39 -20.72 7.34 -3.73
CA ALA B 39 -21.38 6.05 -3.99
C ALA B 39 -22.40 5.72 -2.93
N LEU B 40 -22.04 5.95 -1.66
CA LEU B 40 -22.96 5.75 -0.56
C LEU B 40 -24.18 6.70 -0.64
N GLU B 41 -23.96 7.92 -1.07
CA GLU B 41 -25.04 8.88 -1.26
C GLU B 41 -25.93 8.47 -2.45
N ARG B 42 -25.34 8.09 -3.59
CA ARG B 42 -26.14 7.62 -4.73
C ARG B 42 -27.13 6.53 -4.32
N THR B 43 -26.68 5.67 -3.40
CA THR B 43 -27.38 4.43 -3.11
C THR B 43 -27.35 4.17 -1.63
N PRO B 44 -28.38 4.65 -0.93
CA PRO B 44 -28.49 4.51 0.53
C PRO B 44 -28.39 3.08 1.05
N ALA B 45 -28.81 2.08 0.25
CA ALA B 45 -28.75 0.67 0.65
C ALA B 45 -27.33 0.10 0.59
N LEU B 46 -26.42 0.80 -0.09
CA LEU B 46 -25.06 0.32 -0.24
C LEU B 46 -24.34 0.11 1.12
N ALA B 47 -24.56 1.02 2.06
CA ALA B 47 -23.78 0.87 3.32
C ALA B 47 -24.00 -0.51 3.93
N GLY B 48 -25.24 -0.97 3.96
CA GLY B 48 -25.57 -2.27 4.57
C GLY B 48 -25.24 -3.48 3.70
N ARG B 49 -24.97 -3.27 2.40
CA ARG B 49 -24.43 -4.35 1.59
C ARG B 49 -22.91 -4.53 1.80
N LEU B 50 -22.20 -3.46 2.18
CA LEU B 50 -20.73 -3.56 2.31
C LEU B 50 -20.29 -3.88 3.73
N PHE B 51 -21.13 -3.50 4.70
CA PHE B 51 -20.73 -3.43 6.10
C PHE B 51 -21.71 -4.13 7.06
N LEU B 52 -21.17 -4.80 8.05
CA LEU B 52 -21.95 -5.26 9.20
CA LEU B 52 -21.95 -5.26 9.20
C LEU B 52 -22.28 -4.07 10.10
N GLU B 53 -23.38 -4.18 10.85
CA GLU B 53 -23.74 -3.18 11.89
CA GLU B 53 -23.71 -3.11 11.81
C GLU B 53 -22.55 -2.81 12.77
N SER B 54 -21.77 -3.81 13.12
CA SER B 54 -20.64 -3.55 13.99
C SER B 54 -19.63 -2.57 13.37
N GLU B 55 -19.54 -2.56 12.03
CA GLU B 55 -18.67 -1.65 11.33
C GLU B 55 -19.31 -0.32 11.08
N LEU B 56 -20.65 -0.32 10.93
CA LEU B 56 -21.37 0.90 10.58
C LEU B 56 -21.57 1.80 11.78
N LEU B 57 -21.66 1.19 12.94
CA LEU B 57 -22.02 1.98 14.10
C LEU B 57 -20.87 2.22 15.04
N LEU B 58 -20.57 3.50 15.25
CA LEU B 58 -19.64 3.92 16.31
C LEU B 58 -20.17 3.56 17.71
N PRO B 59 -19.27 3.40 18.70
CA PRO B 59 -19.73 3.43 20.10
C PRO B 59 -20.59 4.68 20.35
N GLY B 60 -21.71 4.48 21.05
CA GLY B 60 -22.66 5.56 21.31
C GLY B 60 -23.77 5.62 20.28
N GLY B 61 -23.51 5.05 19.09
CA GLY B 61 -24.54 4.82 18.10
C GLY B 61 -24.61 5.79 16.94
N GLU B 62 -23.69 6.75 16.88
CA GLU B 62 -23.53 7.56 15.66
C GLU B 62 -23.02 6.69 14.49
N ARG B 63 -23.35 7.05 13.26
CA ARG B 63 -22.84 6.34 12.10
C ARG B 63 -21.33 6.65 11.97
N ARG B 64 -20.53 5.61 11.77
CA ARG B 64 -19.11 5.80 11.44
C ARG B 64 -18.99 6.71 10.23
N GLY B 65 -18.06 7.64 10.30
CA GLY B 65 -17.81 8.60 9.21
C GLY B 65 -17.30 7.94 7.92
N VAL B 66 -17.47 8.66 6.84
CA VAL B 66 -17.18 8.18 5.49
CA VAL B 66 -17.19 8.12 5.52
C VAL B 66 -15.72 7.72 5.34
N ALA B 67 -14.78 8.52 5.85
CA ALA B 67 -13.34 8.24 5.65
C ALA B 67 -12.95 6.90 6.35
N SER B 68 -13.44 6.75 7.58
CA SER B 68 -13.16 5.56 8.37
C SER B 68 -13.81 4.30 7.73
N LEU B 69 -15.04 4.47 7.23
CA LEU B 69 -15.72 3.43 6.45
C LEU B 69 -14.96 3.11 5.19
N ALA B 70 -14.52 4.14 4.47
CA ALA B 70 -13.74 3.91 3.27
C ALA B 70 -12.53 3.02 3.55
N ALA B 71 -11.84 3.25 4.67
CA ALA B 71 -10.63 2.47 4.96
C ALA B 71 -10.98 1.02 5.20
N ARG B 72 -12.10 0.79 5.88
CA ARG B 72 -12.61 -0.56 6.12
C ARG B 72 -13.00 -1.26 4.85
N PHE B 73 -13.65 -0.55 3.94
CA PHE B 73 -13.95 -1.20 2.66
C PHE B 73 -12.66 -1.46 1.85
N ALA B 74 -11.68 -0.56 1.96
CA ALA B 74 -10.39 -0.82 1.32
C ALA B 74 -9.79 -2.13 1.87
N ALA B 75 -9.86 -2.33 3.18
CA ALA B 75 -9.38 -3.56 3.74
C ALA B 75 -10.11 -4.81 3.18
N LYS B 76 -11.43 -4.74 2.97
CA LYS B 76 -12.14 -5.94 2.42
C LYS B 76 -11.75 -6.14 0.98
N GLU B 77 -11.58 -5.04 0.24
CA GLU B 77 -11.11 -5.15 -1.15
C GLU B 77 -9.70 -5.76 -1.21
N ALA B 78 -8.81 -5.30 -0.33
CA ALA B 78 -7.46 -5.85 -0.29
C ALA B 78 -7.52 -7.32 0.11
N LEU B 79 -8.38 -7.68 1.07
CA LEU B 79 -8.58 -9.10 1.40
C LEU B 79 -9.02 -9.91 0.16
N ALA B 80 -10.01 -9.40 -0.57
CA ALA B 80 -10.47 -10.06 -1.79
C ALA B 80 -9.27 -10.32 -2.74
N LYS B 81 -8.41 -9.31 -2.92
CA LYS B 81 -7.28 -9.43 -3.85
C LYS B 81 -6.25 -10.43 -3.29
N ALA B 82 -6.03 -10.43 -1.97
CA ALA B 82 -5.11 -11.40 -1.34
C ALA B 82 -5.58 -12.85 -1.57
N LEU B 83 -6.91 -13.04 -1.62
CA LEU B 83 -7.49 -14.38 -1.88
C LEU B 83 -7.63 -14.71 -3.38
N GLY B 84 -7.13 -13.82 -4.24
CA GLY B 84 -7.20 -14.04 -5.68
C GLY B 84 -8.54 -13.71 -6.32
N ALA B 85 -9.27 -12.78 -5.70
CA ALA B 85 -10.41 -12.04 -6.32
C ALA B 85 -11.38 -12.98 -6.95
N PRO B 86 -11.93 -13.90 -6.12
CA PRO B 86 -12.80 -15.01 -6.52
C PRO B 86 -14.31 -14.69 -6.51
N ALA B 87 -15.04 -15.49 -7.28
CA ALA B 87 -16.49 -15.38 -7.36
C ALA B 87 -17.19 -15.81 -6.07
N GLY B 88 -18.19 -15.01 -5.69
CA GLY B 88 -19.21 -15.46 -4.75
C GLY B 88 -19.21 -14.94 -3.31
N LEU B 89 -18.25 -14.04 -3.01
CA LEU B 89 -17.95 -13.47 -1.66
C LEU B 89 -18.69 -12.16 -1.27
N LEU B 90 -19.58 -12.32 -0.31
CA LEU B 90 -20.27 -11.22 0.28
C LEU B 90 -19.31 -10.42 1.13
N TRP B 91 -19.38 -9.11 0.94
CA TRP B 91 -18.65 -8.16 1.76
C TRP B 91 -18.93 -8.36 3.26
N THR B 92 -20.19 -8.72 3.57
CA THR B 92 -20.57 -8.93 4.98
C THR B 92 -19.95 -10.18 5.63
N ASP B 93 -19.28 -11.01 4.84
CA ASP B 93 -18.58 -12.20 5.34
C ASP B 93 -17.14 -11.90 5.74
N ALA B 94 -16.80 -10.62 5.71
CA ALA B 94 -15.54 -10.12 6.25
C ALA B 94 -15.84 -8.95 7.14
N GLU B 95 -15.21 -8.95 8.31
CA GLU B 95 -15.46 -7.93 9.29
C GLU B 95 -14.11 -7.37 9.74
N VAL B 96 -14.00 -6.05 9.72
CA VAL B 96 -12.82 -5.35 10.27
C VAL B 96 -13.12 -4.99 11.70
N TRP B 97 -12.30 -5.52 12.58
CA TRP B 97 -12.42 -5.10 14.00
C TRP B 97 -11.05 -4.64 14.51
N VAL B 98 -11.06 -3.93 15.63
CA VAL B 98 -9.83 -3.40 16.20
C VAL B 98 -9.63 -4.02 17.59
N GLU B 99 -8.52 -4.72 17.78
CA GLU B 99 -8.23 -5.36 19.07
C GLU B 99 -7.71 -4.30 20.08
N ALA B 100 -7.71 -4.64 21.37
CA ALA B 100 -7.15 -3.78 22.40
C ALA B 100 -5.76 -3.35 21.93
N GLY B 101 -5.47 -2.05 22.06
CA GLY B 101 -4.16 -1.56 21.62
C GLY B 101 -4.15 -1.00 20.19
N GLY B 102 -5.22 -1.28 19.45
CA GLY B 102 -5.44 -0.60 18.18
C GLY B 102 -5.08 -1.31 16.89
N ARG B 103 -4.53 -2.52 16.92
CA ARG B 103 -4.22 -3.18 15.65
C ARG B 103 -5.51 -3.67 14.98
N PRO B 104 -5.68 -3.41 13.66
CA PRO B 104 -6.91 -3.93 12.99
C PRO B 104 -6.77 -5.42 12.69
N ARG B 105 -7.92 -6.10 12.63
CA ARG B 105 -7.98 -7.51 12.33
C ARG B 105 -9.12 -7.78 11.39
N LEU B 106 -9.10 -8.96 10.82
CA LEU B 106 -10.16 -9.37 9.89
C LEU B 106 -10.74 -10.67 10.37
N ARG B 107 -12.03 -10.67 10.70
CA ARG B 107 -12.75 -11.89 11.03
C ARG B 107 -13.55 -12.31 9.77
N VAL B 108 -13.38 -13.54 9.29
CA VAL B 108 -14.04 -13.98 8.06
C VAL B 108 -15.02 -15.15 8.35
N THR B 109 -16.15 -15.18 7.66
CA THR B 109 -17.19 -16.19 7.91
C THR B 109 -17.70 -16.65 6.56
N GLY B 110 -18.60 -17.64 6.55
CA GLY B 110 -19.28 -18.09 5.31
C GLY B 110 -18.43 -18.17 4.05
N THR B 111 -18.81 -17.40 3.02
CA THR B 111 -18.21 -17.54 1.71
C THR B 111 -16.73 -17.17 1.80
N VAL B 112 -16.41 -16.15 2.62
CA VAL B 112 -15.01 -15.72 2.68
C VAL B 112 -14.17 -16.71 3.48
N ALA B 113 -14.70 -17.18 4.59
CA ALA B 113 -14.00 -18.25 5.34
C ALA B 113 -13.80 -19.52 4.50
N ALA B 114 -14.77 -19.90 3.67
CA ALA B 114 -14.60 -21.04 2.73
C ALA B 114 -13.49 -20.84 1.69
N ARG B 115 -13.46 -19.68 1.05
CA ARG B 115 -12.39 -19.40 0.12
C ARG B 115 -10.98 -19.46 0.77
N ALA B 116 -10.85 -18.95 2.00
CA ALA B 116 -9.55 -18.91 2.69
C ALA B 116 -9.08 -20.32 3.07
N ALA B 117 -10.00 -21.14 3.59
CA ALA B 117 -9.74 -22.57 3.89
C ALA B 117 -9.18 -23.33 2.69
N GLU B 118 -9.83 -23.12 1.57
CA GLU B 118 -9.53 -23.73 0.30
C GLU B 118 -8.14 -23.33 -0.18
N LEU B 119 -7.72 -22.09 0.10
CA LEU B 119 -6.37 -21.65 -0.26
C LEU B 119 -5.35 -22.00 0.81
N GLY B 120 -5.79 -22.63 1.90
CA GLY B 120 -4.91 -22.99 3.01
C GLY B 120 -4.38 -21.82 3.85
N VAL B 121 -5.19 -20.75 3.97
CA VAL B 121 -4.75 -19.54 4.65
C VAL B 121 -4.73 -19.78 6.15
N ALA B 122 -3.60 -19.62 6.78
CA ALA B 122 -3.49 -19.84 8.19
C ALA B 122 -3.72 -18.56 8.97
N SER B 123 -3.19 -17.45 8.47
CA SER B 123 -3.27 -16.19 9.20
C SER B 123 -3.18 -14.98 8.24
N TRP B 124 -3.58 -13.82 8.75
CA TRP B 124 -3.70 -12.62 7.93
C TRP B 124 -2.95 -11.52 8.62
N HIS B 125 -2.43 -10.59 7.82
CA HIS B 125 -1.91 -9.33 8.39
C HIS B 125 -2.57 -8.20 7.65
N VAL B 126 -3.06 -7.20 8.38
CA VAL B 126 -3.82 -6.15 7.73
C VAL B 126 -3.38 -4.85 8.34
N SER B 127 -3.35 -3.80 7.51
CA SER B 127 -3.22 -2.47 8.03
C SER B 127 -4.16 -1.64 7.23
N LEU B 128 -4.68 -0.61 7.84
CA LEU B 128 -5.38 0.36 7.03
CA LEU B 128 -5.53 0.34 7.14
C LEU B 128 -5.20 1.75 7.52
N SER B 129 -5.60 2.70 6.67
CA SER B 129 -5.31 4.09 6.97
C SER B 129 -6.28 4.96 6.23
N HIS B 130 -6.43 6.19 6.71
CA HIS B 130 -7.14 7.24 5.98
C HIS B 130 -6.74 8.62 6.50
N ASP B 131 -6.76 9.61 5.58
CA ASP B 131 -6.93 11.01 5.94
C ASP B 131 -8.30 11.42 5.37
N ALA B 132 -8.59 12.71 5.25
CA ALA B 132 -9.89 13.15 4.85
C ALA B 132 -10.15 12.82 3.40
N GLY B 133 -9.08 12.74 2.60
CA GLY B 133 -9.24 12.59 1.17
C GLY B 133 -9.00 11.19 0.63
N ILE B 134 -8.13 10.42 1.29
CA ILE B 134 -7.68 9.14 0.74
C ILE B 134 -7.72 8.03 1.81
N ALA B 135 -8.28 6.87 1.45
CA ALA B 135 -8.29 5.71 2.37
C ALA B 135 -7.52 4.54 1.73
N SER B 136 -6.84 3.72 2.54
CA SER B 136 -6.01 2.68 1.97
C SER B 136 -5.92 1.51 2.88
N ALA B 137 -5.51 0.36 2.33
CA ALA B 137 -5.28 -0.84 3.15
C ALA B 137 -4.39 -1.81 2.40
N VAL B 138 -3.75 -2.70 3.15
CA VAL B 138 -2.97 -3.74 2.62
C VAL B 138 -3.26 -4.98 3.41
N VAL B 139 -3.36 -6.10 2.69
CA VAL B 139 -3.58 -7.40 3.40
C VAL B 139 -2.55 -8.40 2.90
N ILE B 140 -1.93 -9.11 3.83
CA ILE B 140 -1.06 -10.21 3.48
C ILE B 140 -1.62 -11.52 4.04
N ALA B 141 -1.84 -12.50 3.16
CA ALA B 141 -2.35 -13.79 3.55
C ALA B 141 -1.18 -14.77 3.58
N GLU B 142 -1.07 -15.53 4.66
CA GLU B 142 0.05 -16.46 4.89
C GLU B 142 -0.51 -17.84 5.14
N GLY B 143 0.25 -18.87 4.75
CA GLY B 143 -0.15 -20.23 5.00
C GLY B 143 1.02 -21.20 4.89
N MET C 21 11.83 -19.59 3.32
CA MET C 21 11.91 -18.29 2.54
C MET C 21 11.86 -17.02 3.39
N SER C 22 12.36 -15.95 2.80
CA SER C 22 12.52 -14.70 3.52
C SER C 22 12.14 -13.53 2.59
N ILE C 23 11.66 -12.42 3.16
CA ILE C 23 11.37 -11.22 2.34
C ILE C 23 12.69 -10.55 1.90
N ILE C 24 12.80 -10.26 0.61
CA ILE C 24 14.00 -9.63 0.06
C ILE C 24 13.79 -8.15 -0.11
N GLY C 25 12.59 -7.78 -0.53
CA GLY C 25 12.29 -6.38 -0.75
C GLY C 25 10.80 -6.20 -0.89
N VAL C 26 10.35 -4.99 -0.58
CA VAL C 26 8.96 -4.60 -0.80
CA VAL C 26 8.95 -4.59 -0.78
C VAL C 26 8.94 -3.32 -1.61
N GLY C 27 7.85 -3.11 -2.35
CA GLY C 27 7.72 -1.92 -3.16
C GLY C 27 6.27 -1.48 -3.12
N ILE C 28 6.02 -0.17 -3.11
CA ILE C 28 4.69 0.36 -3.26
C ILE C 28 4.74 1.55 -4.22
N ASP C 29 3.68 1.71 -5.03
CA ASP C 29 3.52 2.96 -5.74
C ASP C 29 2.05 3.34 -5.77
N VAL C 30 1.73 4.62 -5.55
CA VAL C 30 0.37 5.14 -5.63
C VAL C 30 0.49 6.39 -6.49
N ALA C 31 -0.35 6.42 -7.53
CA ALA C 31 -0.34 7.39 -8.62
C ALA C 31 -1.73 8.03 -8.83
N GLU C 32 -1.76 9.36 -8.94
CA GLU C 32 -2.97 10.04 -9.38
C GLU C 32 -3.12 9.70 -10.86
N VAL C 33 -4.27 9.17 -11.23
CA VAL C 33 -4.52 8.74 -12.60
C VAL C 33 -4.43 9.88 -13.64
N GLU C 34 -5.00 11.03 -13.30
CA GLU C 34 -5.05 12.20 -14.22
C GLU C 34 -3.65 12.65 -14.56
N ARG C 35 -2.74 12.62 -13.57
CA ARG C 35 -1.36 12.97 -13.78
C ARG C 35 -0.65 11.99 -14.64
N PHE C 36 -0.92 10.69 -14.43
CA PHE C 36 -0.27 9.68 -15.23
C PHE C 36 -0.71 9.84 -16.69
N GLY C 37 -1.99 10.15 -16.88
CA GLY C 37 -2.56 10.34 -18.19
C GLY C 37 -1.91 11.51 -18.92
N ALA C 38 -1.76 12.63 -18.21
CA ALA C 38 -1.05 13.79 -18.72
C ALA C 38 0.43 13.46 -19.10
N ALA C 39 1.09 12.60 -18.33
CA ALA C 39 2.44 12.18 -18.64
C ALA C 39 2.51 11.39 -19.96
N LEU C 40 1.46 10.59 -20.23
CA LEU C 40 1.39 9.79 -21.47
C LEU C 40 1.18 10.66 -22.71
N GLU C 41 0.44 11.74 -22.54
CA GLU C 41 0.27 12.76 -23.58
C GLU C 41 1.60 13.49 -23.93
N ARG C 42 2.39 13.81 -22.91
CA ARG C 42 3.66 14.53 -23.08
C ARG C 42 4.73 13.82 -23.94
N THR C 43 4.56 12.54 -24.24
CA THR C 43 5.38 11.83 -25.25
C THR C 43 5.04 10.31 -25.32
N PRO C 44 4.66 9.80 -26.53
CA PRO C 44 3.95 8.52 -26.58
C PRO C 44 4.46 7.26 -27.35
N ALA C 45 5.72 7.11 -27.77
CA ALA C 45 6.96 7.32 -27.02
C ALA C 45 6.87 6.66 -25.63
N LEU C 46 6.34 7.37 -24.64
CA LEU C 46 6.26 6.87 -23.25
C LEU C 46 5.51 5.53 -23.13
N ALA C 47 4.29 5.48 -23.66
CA ALA C 47 3.50 4.26 -23.58
C ALA C 47 4.24 3.07 -24.17
N GLY C 48 4.83 3.27 -25.34
CA GLY C 48 5.64 2.23 -25.97
C GLY C 48 6.89 1.89 -25.19
N ARG C 49 7.36 2.81 -24.35
CA ARG C 49 8.52 2.53 -23.51
C ARG C 49 8.11 1.86 -22.20
N LEU C 50 6.90 2.19 -21.72
CA LEU C 50 6.33 1.64 -20.47
C LEU C 50 5.70 0.26 -20.62
N PHE C 51 4.99 0.04 -21.72
CA PHE C 51 4.13 -1.13 -21.82
C PHE C 51 4.41 -2.01 -23.01
N LEU C 52 4.28 -3.30 -22.78
CA LEU C 52 4.21 -4.29 -23.80
C LEU C 52 2.80 -4.19 -24.42
N GLU C 53 2.66 -4.65 -25.68
CA GLU C 53 1.34 -4.59 -26.36
C GLU C 53 0.31 -5.44 -25.60
N SER C 54 0.75 -6.61 -25.12
CA SER C 54 -0.12 -7.48 -24.31
C SER C 54 -0.69 -6.82 -23.04
N GLU C 55 -0.01 -5.80 -22.54
CA GLU C 55 -0.49 -5.09 -21.33
C GLU C 55 -1.57 -4.10 -21.63
N LEU C 56 -1.65 -3.68 -22.89
CA LEU C 56 -2.57 -2.64 -23.31
C LEU C 56 -4.00 -3.16 -23.55
N LEU C 57 -4.16 -4.49 -23.59
CA LEU C 57 -5.38 -5.06 -24.17
C LEU C 57 -5.86 -6.19 -23.33
N LEU C 58 -7.16 -6.34 -23.19
CA LEU C 58 -7.71 -7.52 -22.53
C LEU C 58 -7.64 -8.73 -23.46
N PRO C 59 -7.86 -9.95 -22.90
CA PRO C 59 -7.83 -11.12 -23.78
C PRO C 59 -8.90 -11.06 -24.90
N GLY C 60 -10.07 -10.51 -24.58
CA GLY C 60 -11.09 -10.28 -25.60
C GLY C 60 -10.78 -9.18 -26.61
N GLY C 61 -9.64 -8.50 -26.49
CA GLY C 61 -9.26 -7.44 -27.43
C GLY C 61 -9.61 -6.01 -26.99
N GLU C 62 -10.37 -5.87 -25.90
CA GLU C 62 -10.72 -4.51 -25.42
C GLU C 62 -9.46 -3.76 -24.93
N ARG C 63 -9.46 -2.44 -25.13
CA ARG C 63 -8.32 -1.61 -24.80
C ARG C 63 -8.46 -1.13 -23.36
N ARG C 64 -7.37 -1.25 -22.59
CA ARG C 64 -7.34 -0.67 -21.21
C ARG C 64 -7.37 0.85 -21.17
N GLY C 65 -8.14 1.38 -20.22
CA GLY C 65 -8.23 2.82 -20.01
C GLY C 65 -7.04 3.26 -19.16
N VAL C 66 -7.02 4.55 -18.85
CA VAL C 66 -5.84 5.17 -18.27
C VAL C 66 -5.59 4.72 -16.81
N ALA C 67 -6.66 4.54 -16.03
CA ALA C 67 -6.50 4.12 -14.61
C ALA C 67 -5.89 2.74 -14.52
N SER C 68 -6.35 1.81 -15.38
CA SER C 68 -5.79 0.49 -15.39
C SER C 68 -4.34 0.45 -15.88
N LEU C 69 -4.03 1.29 -16.85
CA LEU C 69 -2.62 1.40 -17.26
C LEU C 69 -1.77 1.99 -16.15
N ALA C 70 -2.29 3.02 -15.48
CA ALA C 70 -1.61 3.62 -14.32
C ALA C 70 -1.29 2.54 -13.25
N ALA C 71 -2.22 1.62 -13.01
CA ALA C 71 -1.99 0.54 -12.03
C ALA C 71 -0.88 -0.40 -12.49
N ARG C 72 -0.79 -0.60 -13.80
CA ARG C 72 0.24 -1.49 -14.33
C ARG C 72 1.58 -0.74 -14.28
N PHE C 73 1.61 0.55 -14.56
CA PHE C 73 2.84 1.25 -14.38
C PHE C 73 3.23 1.28 -12.89
N ALA C 74 2.23 1.39 -11.99
CA ALA C 74 2.51 1.39 -10.53
C ALA C 74 3.12 0.06 -10.09
N ALA C 75 2.67 -1.05 -10.68
CA ALA C 75 3.23 -2.37 -10.38
C ALA C 75 4.70 -2.46 -10.78
N LYS C 76 5.02 -1.88 -11.93
CA LYS C 76 6.42 -1.90 -12.41
C LYS C 76 7.30 -1.03 -11.51
N GLU C 77 6.81 0.13 -11.07
CA GLU C 77 7.52 1.01 -10.15
C GLU C 77 7.65 0.28 -8.84
N ALA C 78 6.61 -0.43 -8.45
CA ALA C 78 6.65 -1.17 -7.19
C ALA C 78 7.69 -2.27 -7.28
N LEU C 79 7.75 -2.96 -8.43
CA LEU C 79 8.78 -3.98 -8.65
C LEU C 79 10.20 -3.36 -8.61
N ALA C 80 10.41 -2.24 -9.30
CA ALA C 80 11.70 -1.50 -9.29
C ALA C 80 12.16 -1.21 -7.84
N LYS C 81 11.23 -0.72 -7.02
CA LYS C 81 11.44 -0.45 -5.57
C LYS C 81 11.71 -1.72 -4.80
N ALA C 82 10.94 -2.78 -5.06
CA ALA C 82 11.20 -4.04 -4.38
C ALA C 82 12.61 -4.60 -4.72
N LEU C 83 13.12 -4.26 -5.90
CA LEU C 83 14.49 -4.70 -6.29
C LEU C 83 15.57 -3.68 -5.89
N GLY C 84 15.18 -2.57 -5.27
CA GLY C 84 16.13 -1.57 -4.77
C GLY C 84 16.72 -0.68 -5.86
N ALA C 85 16.16 -0.80 -7.08
CA ALA C 85 16.63 -0.01 -8.23
C ALA C 85 16.49 1.48 -7.94
N PRO C 86 17.50 2.29 -8.34
CA PRO C 86 17.49 3.75 -8.08
C PRO C 86 16.75 4.63 -9.09
N ALA C 87 16.69 4.20 -10.34
CA ALA C 87 16.11 5.03 -11.40
C ALA C 87 15.26 4.19 -12.37
N GLY C 88 14.35 3.41 -11.79
CA GLY C 88 13.39 2.67 -12.60
C GLY C 88 14.00 1.48 -13.32
N LEU C 89 13.36 1.06 -14.41
CA LEU C 89 13.72 -0.17 -15.10
C LEU C 89 13.70 -0.02 -16.62
N LEU C 90 14.25 -1.02 -17.31
CA LEU C 90 13.90 -1.21 -18.72
C LEU C 90 12.43 -1.73 -18.68
N TRP C 91 11.47 -0.82 -18.74
CA TRP C 91 10.06 -1.19 -18.44
C TRP C 91 9.51 -2.35 -19.24
N THR C 92 9.94 -2.48 -20.47
CA THR C 92 9.48 -3.56 -21.35
C THR C 92 10.06 -4.91 -20.97
N ASP C 93 11.07 -4.89 -20.09
CA ASP C 93 11.61 -6.13 -19.51
C ASP C 93 10.81 -6.65 -18.32
N ALA C 94 9.73 -5.93 -17.98
CA ALA C 94 8.79 -6.40 -16.96
C ALA C 94 7.37 -6.41 -17.55
N GLU C 95 6.60 -7.44 -17.22
CA GLU C 95 5.27 -7.64 -17.81
C GLU C 95 4.27 -8.00 -16.74
N VAL C 96 3.23 -7.19 -16.63
CA VAL C 96 2.11 -7.51 -15.73
C VAL C 96 1.12 -8.30 -16.55
N TRP C 97 0.77 -9.47 -16.07
CA TRP C 97 -0.33 -10.18 -16.69
C TRP C 97 -1.26 -10.59 -15.60
N VAL C 98 -2.40 -11.14 -16.01
CA VAL C 98 -3.45 -11.53 -15.10
C VAL C 98 -3.83 -12.99 -15.34
N GLU C 99 -3.77 -13.77 -14.26
CA GLU C 99 -4.18 -15.15 -14.27
C GLU C 99 -5.67 -15.24 -14.56
N ALA C 100 -6.07 -16.35 -15.17
CA ALA C 100 -7.46 -16.61 -15.50
C ALA C 100 -8.43 -16.35 -14.32
N GLY C 101 -8.06 -16.78 -13.12
CA GLY C 101 -8.87 -16.48 -11.90
C GLY C 101 -8.83 -15.04 -11.39
N GLY C 102 -7.93 -14.23 -11.93
CA GLY C 102 -7.92 -12.81 -11.63
C GLY C 102 -6.71 -12.25 -10.89
N ARG C 103 -5.86 -13.11 -10.31
CA ARG C 103 -4.66 -12.61 -9.65
C ARG C 103 -3.62 -12.07 -10.65
N PRO C 104 -3.17 -10.80 -10.45
CA PRO C 104 -2.08 -10.25 -11.28
C PRO C 104 -0.76 -10.92 -10.97
N ARG C 105 0.15 -10.91 -11.94
CA ARG C 105 1.44 -11.59 -11.84
C ARG C 105 2.47 -10.73 -12.53
N LEU C 106 3.74 -10.94 -12.20
CA LEU C 106 4.79 -10.20 -12.90
C LEU C 106 5.67 -11.19 -13.62
N ARG C 107 5.96 -10.93 -14.89
CA ARG C 107 6.94 -11.72 -15.60
C ARG C 107 8.14 -10.86 -15.98
N VAL C 108 9.33 -11.33 -15.66
CA VAL C 108 10.51 -10.50 -15.83
C VAL C 108 11.50 -11.20 -16.78
N THR C 109 12.16 -10.43 -17.63
CA THR C 109 13.12 -10.99 -18.57
C THR C 109 14.35 -10.09 -18.61
N GLY C 110 15.41 -10.57 -19.26
CA GLY C 110 16.56 -9.72 -19.52
C GLY C 110 17.10 -8.94 -18.34
N THR C 111 17.12 -7.62 -18.48
CA THR C 111 17.65 -6.71 -17.49
C THR C 111 17.02 -6.81 -16.08
N VAL C 112 15.71 -7.12 -16.03
CA VAL C 112 14.98 -7.11 -14.76
C VAL C 112 15.15 -8.47 -14.13
N ALA C 113 15.01 -9.52 -14.93
CA ALA C 113 15.31 -10.87 -14.44
C ALA C 113 16.78 -11.04 -13.94
N ALA C 114 17.72 -10.29 -14.54
CA ALA C 114 19.12 -10.28 -14.06
C ALA C 114 19.21 -9.64 -12.66
N ARG C 115 18.65 -8.44 -12.52
CA ARG C 115 18.57 -7.81 -11.20
C ARG C 115 17.93 -8.75 -10.20
N ALA C 116 16.76 -9.30 -10.54
CA ALA C 116 16.10 -10.30 -9.69
C ALA C 116 17.05 -11.41 -9.29
N ALA C 117 17.76 -11.97 -10.27
CA ALA C 117 18.65 -13.10 -9.99
C ALA C 117 19.81 -12.72 -9.03
N GLU C 118 20.42 -11.56 -9.20
CA GLU C 118 21.50 -11.21 -8.29
C GLU C 118 21.05 -10.95 -6.84
N LEU C 119 19.75 -10.69 -6.64
CA LEU C 119 19.19 -10.50 -5.30
C LEU C 119 18.76 -11.81 -4.69
N GLY C 120 18.56 -12.84 -5.53
CA GLY C 120 18.12 -14.14 -5.06
C GLY C 120 16.62 -14.34 -4.96
N VAL C 121 15.85 -13.60 -5.76
CA VAL C 121 14.38 -13.73 -5.64
C VAL C 121 13.84 -15.00 -6.28
N ALA C 122 13.06 -15.77 -5.52
CA ALA C 122 12.40 -16.96 -6.07
C ALA C 122 10.91 -16.79 -6.30
N SER C 123 10.33 -15.69 -5.80
CA SER C 123 8.89 -15.52 -5.78
C SER C 123 8.46 -14.04 -5.63
N TRP C 124 7.60 -13.57 -6.53
CA TRP C 124 6.98 -12.25 -6.46
C TRP C 124 5.55 -12.41 -5.98
N HIS C 125 5.08 -11.44 -5.22
CA HIS C 125 3.64 -11.32 -4.95
C HIS C 125 3.23 -9.91 -5.30
N VAL C 126 2.18 -9.76 -6.10
CA VAL C 126 1.79 -8.46 -6.60
C VAL C 126 0.30 -8.26 -6.45
N SER C 127 -0.09 -7.05 -6.07
CA SER C 127 -1.47 -6.63 -6.10
C SER C 127 -1.56 -5.27 -6.75
N LEU C 128 -2.61 -5.08 -7.52
CA LEU C 128 -2.88 -3.89 -8.31
C LEU C 128 -4.20 -3.37 -7.87
N SER C 129 -4.38 -2.07 -7.86
CA SER C 129 -5.72 -1.54 -7.67
C SER C 129 -5.91 -0.24 -8.39
N HIS C 130 -7.18 0.07 -8.73
CA HIS C 130 -7.49 1.40 -9.19
C HIS C 130 -8.96 1.73 -9.07
N ASP C 131 -9.23 3.01 -8.87
CA ASP C 131 -10.52 3.62 -9.17
C ASP C 131 -10.22 4.65 -10.27
N ALA C 132 -11.21 5.44 -10.65
CA ALA C 132 -10.99 6.41 -11.73
C ALA C 132 -9.93 7.46 -11.38
N GLY C 133 -9.75 7.78 -10.09
CA GLY C 133 -8.77 8.85 -9.75
C GLY C 133 -7.42 8.40 -9.21
N ILE C 134 -7.37 7.20 -8.62
CA ILE C 134 -6.15 6.69 -8.01
C ILE C 134 -5.80 5.29 -8.41
N ALA C 135 -4.54 5.05 -8.73
CA ALA C 135 -4.10 3.69 -9.05
C ALA C 135 -2.97 3.34 -8.07
N SER C 136 -2.88 2.07 -7.70
CA SER C 136 -1.85 1.63 -6.77
C SER C 136 -1.38 0.21 -7.05
N ALA C 137 -0.20 -0.07 -6.55
CA ALA C 137 0.30 -1.42 -6.58
C ALA C 137 1.26 -1.70 -5.40
N VAL C 138 1.31 -2.94 -4.99
CA VAL C 138 2.35 -3.36 -4.05
C VAL C 138 3.00 -4.63 -4.56
N VAL C 139 4.31 -4.71 -4.33
CA VAL C 139 5.09 -5.91 -4.70
C VAL C 139 5.94 -6.39 -3.53
N ILE C 140 5.87 -7.67 -3.26
CA ILE C 140 6.76 -8.24 -2.26
C ILE C 140 7.63 -9.29 -2.99
N ALA C 141 8.96 -9.14 -2.90
CA ALA C 141 9.92 -10.10 -3.41
C ALA C 141 10.39 -11.02 -2.27
N GLU C 142 10.29 -12.33 -2.47
CA GLU C 142 10.83 -13.26 -1.49
C GLU C 142 11.85 -14.25 -2.11
N GLY C 143 12.63 -14.92 -1.25
CA GLY C 143 13.78 -15.72 -1.65
C GLY C 143 14.37 -16.46 -0.46
#